data_9L4P
#
_entry.id   9L4P
#
_cell.length_a   32.701
_cell.length_b   60.435
_cell.length_c   39.206
_cell.angle_alpha   90.00
_cell.angle_beta   113.29
_cell.angle_gamma   90.00
#
_symmetry.space_group_name_H-M   'P 1 21 1'
#
loop_
_entity.id
_entity.type
_entity.pdbx_description
1 polymer 'Vacuolar-sorting receptor 1'
2 polymer 'Vicilin-like seed storage protein 22'
3 water water
#
loop_
_entity_poly.entity_id
_entity_poly.type
_entity_poly.pdbx_seq_one_letter_code
_entity_poly.pdbx_strand_id
1 'polypeptide(L)'
;GSRFVVEKNNLKVTSPDSIKGIYECAIGNFGVPQYGGTLVGTVVYPKSNQKACKSYSDFDISFKSKPGRLPTFVLIDRGD
CYFTLKAWIAQQAGAAAILVADSKAEPLITMDTPEEDKSDADYLQNITIPSALITKTLGDSIKSALSGGDMVNMKLDWTE
SVPHP
;
A
2 'polypeptide(L)' (ACE)SDRFV B
#
loop_
_chem_comp.id
_chem_comp.type
_chem_comp.name
_chem_comp.formula
ACE non-polymer 'ACETYL GROUP' 'C2 H4 O'
#
# COMPACT_ATOMS: atom_id res chain seq x y z
N GLY A 1 -20.45 -3.17 -16.02
CA GLY A 1 -20.33 -2.37 -14.82
C GLY A 1 -19.04 -1.58 -14.77
N SER A 2 -18.57 -1.15 -15.96
CA SER A 2 -17.31 -0.43 -16.11
C SER A 2 -16.21 -1.05 -15.25
N ARG A 3 -16.18 -2.37 -15.17
CA ARG A 3 -15.30 -3.08 -14.25
C ARG A 3 -13.85 -3.10 -14.72
N PHE A 4 -13.57 -2.63 -15.92
CA PHE A 4 -12.20 -2.53 -16.43
C PHE A 4 -11.87 -1.07 -16.77
N VAL A 5 -12.34 -0.14 -15.95
CA VAL A 5 -12.16 1.28 -16.19
C VAL A 5 -11.15 1.89 -15.22
N VAL A 6 -10.28 1.07 -14.66
CA VAL A 6 -9.35 1.51 -13.61
C VAL A 6 -8.11 2.12 -14.24
N GLU A 7 -7.59 3.19 -13.65
CA GLU A 7 -6.29 3.73 -14.04
C GLU A 7 -5.22 2.83 -13.45
N LYS A 8 -4.66 1.97 -14.30
CA LYS A 8 -3.64 1.03 -13.86
C LYS A 8 -2.25 1.63 -14.02
N ASN A 9 -1.36 1.23 -13.12
CA ASN A 9 0.06 1.55 -13.20
C ASN A 9 0.84 0.25 -13.11
N ASN A 10 2.12 0.31 -13.43
CA ASN A 10 2.99 -0.83 -13.28
C ASN A 10 3.91 -0.61 -12.09
N LEU A 11 4.21 -1.69 -11.37
CA LEU A 11 5.29 -1.67 -10.39
C LEU A 11 6.19 -2.84 -10.73
N LYS A 12 7.40 -2.82 -10.20
CA LYS A 12 8.35 -3.89 -10.42
C LYS A 12 8.84 -4.44 -9.09
N VAL A 13 8.63 -5.73 -8.87
CA VAL A 13 9.33 -6.44 -7.80
C VAL A 13 10.73 -6.75 -8.30
N THR A 14 11.72 -6.22 -7.60
CA THR A 14 13.11 -6.41 -8.03
C THR A 14 13.79 -7.57 -7.30
N SER A 15 13.23 -8.05 -6.22
CA SER A 15 13.77 -9.22 -5.51
C SER A 15 12.70 -9.74 -4.56
N PRO A 16 12.77 -11.02 -4.18
CA PRO A 16 13.73 -12.05 -4.61
C PRO A 16 13.45 -12.52 -6.03
N ASP A 17 14.35 -13.34 -6.57
CA ASP A 17 14.19 -13.78 -7.96
C ASP A 17 12.92 -14.58 -8.16
N SER A 18 12.43 -15.26 -7.10
CA SER A 18 11.26 -16.11 -7.27
C SER A 18 10.04 -15.30 -7.72
N ILE A 19 9.91 -14.05 -7.29
CA ILE A 19 8.73 -13.28 -7.62
C ILE A 19 9.06 -11.99 -8.37
N LYS A 20 10.32 -11.81 -8.77
CA LYS A 20 10.72 -10.64 -9.53
C LYS A 20 9.85 -10.49 -10.77
N GLY A 21 9.50 -9.26 -11.12
CA GLY A 21 8.77 -9.04 -12.35
C GLY A 21 7.94 -7.77 -12.28
N ILE A 22 7.21 -7.52 -13.37
CA ILE A 22 6.35 -6.36 -13.52
C ILE A 22 4.92 -6.78 -13.17
N TYR A 23 4.23 -5.95 -12.38
CA TYR A 23 2.87 -6.27 -11.97
C TYR A 23 2.01 -5.02 -12.08
N GLU A 24 0.75 -5.20 -12.45
CA GLU A 24 -0.17 -4.09 -12.49
C GLU A 24 -0.62 -3.71 -11.09
N CYS A 25 -0.85 -2.43 -10.86
CA CYS A 25 -1.45 -1.96 -9.63
C CYS A 25 -2.34 -0.78 -9.96
N ALA A 26 -3.11 -0.32 -8.97
CA ALA A 26 -3.99 0.82 -9.14
C ALA A 26 -3.65 1.87 -8.10
N ILE A 27 -3.20 3.04 -8.57
CA ILE A 27 -2.79 4.11 -7.67
C ILE A 27 -4.02 4.70 -6.99
N GLY A 28 -3.88 5.01 -5.70
CA GLY A 28 -4.98 5.62 -4.98
C GLY A 28 -5.35 6.98 -5.56
N ASN A 29 -6.64 7.30 -5.47
CA ASN A 29 -7.18 8.57 -5.94
C ASN A 29 -6.88 9.68 -4.92
N PHE A 30 -5.76 9.57 -4.22
CA PHE A 30 -5.42 10.50 -3.15
C PHE A 30 -3.91 10.49 -2.93
N GLY A 31 -3.39 11.64 -2.53
CA GLY A 31 -1.98 11.74 -2.13
C GLY A 31 -1.08 12.17 -3.30
N VAL A 32 -0.26 11.23 -3.79
CA VAL A 32 0.64 11.45 -4.93
C VAL A 32 1.61 12.60 -4.66
N GLY A 37 8.09 10.62 -11.01
CA GLY A 37 8.87 10.14 -9.89
C GLY A 37 8.89 8.63 -9.73
N THR A 38 10.02 8.10 -9.26
CA THR A 38 10.19 6.68 -8.99
C THR A 38 10.71 6.52 -7.57
N LEU A 39 10.28 5.46 -6.89
CA LEU A 39 10.73 5.22 -5.54
C LEU A 39 11.00 3.73 -5.35
N VAL A 40 12.19 3.41 -4.86
CA VAL A 40 12.57 2.05 -4.54
C VAL A 40 12.46 1.87 -3.04
N GLY A 41 11.83 0.78 -2.62
CA GLY A 41 11.70 0.52 -1.20
C GLY A 41 11.71 -0.96 -0.97
N THR A 42 11.57 -1.32 0.31
CA THR A 42 11.53 -2.71 0.72
C THR A 42 10.22 -2.90 1.47
N VAL A 43 9.58 -4.05 1.24
CA VAL A 43 8.20 -4.27 1.66
C VAL A 43 8.20 -4.93 3.02
N VAL A 44 7.29 -4.47 3.87
CA VAL A 44 7.15 -5.03 5.21
C VAL A 44 5.67 -5.35 5.42
N TYR A 45 5.40 -6.53 5.98
CA TYR A 45 4.04 -6.88 6.37
C TYR A 45 3.99 -6.94 7.89
N PRO A 46 3.31 -6.01 8.58
CA PRO A 46 3.35 -5.98 10.04
C PRO A 46 2.77 -7.24 10.67
N LYS A 47 3.27 -7.57 11.87
CA LYS A 47 2.74 -8.72 12.59
C LYS A 47 1.47 -8.38 13.35
N SER A 48 1.17 -7.10 13.57
CA SER A 48 -0.03 -6.66 14.25
C SER A 48 -0.66 -5.54 13.44
N ASN A 49 -1.93 -5.24 13.73
CA ASN A 49 -2.62 -4.10 13.11
C ASN A 49 -2.51 -4.16 11.58
N GLN A 50 -2.83 -5.32 11.02
CA GLN A 50 -2.48 -5.57 9.62
C GLN A 50 -3.40 -4.87 8.63
N LYS A 51 -4.53 -4.34 9.08
CA LYS A 51 -5.40 -3.56 8.22
C LYS A 51 -5.17 -2.06 8.37
N ALA A 52 -4.25 -1.64 9.23
CA ALA A 52 -3.91 -0.25 9.45
C ALA A 52 -5.14 0.60 9.69
N CYS A 53 -6.03 0.13 10.56
CA CYS A 53 -7.19 0.91 10.92
C CYS A 53 -7.05 1.59 12.28
N LYS A 54 -6.05 1.22 13.05
CA LYS A 54 -5.72 1.90 14.29
C LYS A 54 -4.29 2.43 14.21
N SER A 55 -4.01 3.43 15.04
CA SER A 55 -2.69 4.04 15.00
C SER A 55 -1.62 3.01 15.33
N TYR A 56 -0.59 2.94 14.49
CA TYR A 56 0.53 2.06 14.79
C TYR A 56 1.26 2.48 16.05
N SER A 57 1.07 3.72 16.50
CA SER A 57 1.81 4.17 17.67
C SER A 57 1.30 3.49 18.94
N ASP A 58 0.03 3.07 18.94
CA ASP A 58 -0.50 2.31 20.08
C ASP A 58 0.23 1.00 20.24
N PHE A 59 0.75 0.46 19.14
CA PHE A 59 1.53 -0.77 19.09
C PHE A 59 3.03 -0.54 19.23
N ASP A 60 3.47 0.73 19.28
CA ASP A 60 4.89 1.06 19.26
C ASP A 60 5.55 0.48 18.01
N ILE A 61 4.85 0.53 16.89
CA ILE A 61 5.39 0.10 15.61
C ILE A 61 5.69 1.33 14.76
N SER A 62 6.90 1.37 14.20
CA SER A 62 7.33 2.42 13.30
C SER A 62 7.92 1.78 12.06
N PHE A 63 7.65 2.40 10.91
CA PHE A 63 8.21 1.93 9.66
C PHE A 63 9.29 2.86 9.13
N LYS A 64 9.73 3.82 9.94
CA LYS A 64 10.83 4.71 9.54
C LYS A 64 12.08 3.89 9.31
N SER A 65 12.62 3.98 8.10
CA SER A 65 13.83 3.25 7.76
CA SER A 65 13.83 3.24 7.77
C SER A 65 15.05 3.92 8.38
N LYS A 66 16.01 3.11 8.78
CA LYS A 66 17.25 3.64 9.31
C LYS A 66 18.06 4.29 8.18
N PRO A 67 18.86 5.31 8.51
CA PRO A 67 19.71 5.94 7.50
C PRO A 67 20.54 4.92 6.75
N GLY A 68 20.64 5.07 5.45
CA GLY A 68 21.39 4.15 4.62
C GLY A 68 20.60 2.94 4.16
N ARG A 69 19.42 2.70 4.71
CA ARG A 69 18.60 1.58 4.28
C ARG A 69 17.50 2.06 3.36
N LEU A 70 16.86 1.10 2.69
CA LEU A 70 15.80 1.43 1.76
C LEU A 70 14.56 1.92 2.50
N PRO A 71 13.82 2.87 1.94
CA PRO A 71 12.53 3.24 2.54
C PRO A 71 11.58 2.04 2.66
N THR A 72 10.66 2.12 3.63
CA THR A 72 9.76 1.01 3.90
C THR A 72 8.43 1.19 3.16
N PHE A 73 8.07 0.19 2.35
CA PHE A 73 6.71 0.09 1.83
C PHE A 73 5.94 -0.86 2.74
N VAL A 74 4.84 -0.42 3.29
CA VAL A 74 4.10 -1.29 4.20
C VAL A 74 2.96 -1.96 3.43
N LEU A 75 2.89 -3.29 3.54
CA LEU A 75 1.83 -4.07 2.93
C LEU A 75 0.66 -4.19 3.91
N ILE A 76 -0.49 -3.68 3.49
CA ILE A 76 -1.68 -3.58 4.33
C ILE A 76 -2.82 -4.37 3.70
N ASP A 77 -3.61 -5.04 4.54
CA ASP A 77 -4.78 -5.76 4.06
C ASP A 77 -5.96 -4.83 3.87
N ARG A 78 -6.70 -5.05 2.78
CA ARG A 78 -7.97 -4.36 2.57
C ARG A 78 -8.95 -4.75 3.67
N GLY A 79 -9.79 -3.80 4.07
CA GLY A 79 -10.90 -4.13 4.94
C GLY A 79 -11.05 -3.29 6.21
N ASP A 80 -12.28 -3.20 6.73
CA ASP A 80 -12.62 -2.66 8.05
C ASP A 80 -12.54 -1.14 8.18
N CYS A 81 -11.81 -0.45 7.30
CA CYS A 81 -11.79 1.00 7.32
C CYS A 81 -11.52 1.52 5.91
N TYR A 82 -11.73 2.83 5.72
CA TYR A 82 -11.46 3.49 4.45
C TYR A 82 -10.01 3.32 4.04
N PHE A 83 -9.77 3.22 2.72
CA PHE A 83 -8.40 3.20 2.18
C PHE A 83 -7.63 4.47 2.58
N THR A 84 -8.29 5.62 2.57
CA THR A 84 -7.62 6.86 2.94
C THR A 84 -7.14 6.85 4.39
N LEU A 85 -7.88 6.21 5.29
CA LEU A 85 -7.43 6.13 6.68
C LEU A 85 -6.21 5.23 6.78
N LYS A 86 -6.19 4.13 6.02
CA LYS A 86 -5.02 3.25 6.01
C LYS A 86 -3.77 4.00 5.56
N ALA A 87 -3.89 4.80 4.51
CA ALA A 87 -2.73 5.58 4.04
C ALA A 87 -2.28 6.59 5.09
N TRP A 88 -3.22 7.32 5.70
CA TRP A 88 -2.88 8.29 6.73
C TRP A 88 -2.17 7.62 7.89
N ILE A 89 -2.71 6.50 8.36
CA ILE A 89 -2.12 5.80 9.50
C ILE A 89 -0.75 5.25 9.15
N ALA A 90 -0.58 4.70 7.95
CA ALA A 90 0.74 4.23 7.53
C ALA A 90 1.71 5.40 7.42
N GLN A 91 1.22 6.54 6.92
CA GLN A 91 2.03 7.73 6.83
C GLN A 91 2.47 8.22 8.20
N GLN A 92 1.55 8.18 9.19
CA GLN A 92 1.90 8.62 10.55
C GLN A 92 2.96 7.72 11.16
N ALA A 93 3.00 6.46 10.78
CA ALA A 93 3.97 5.50 11.30
C ALA A 93 5.29 5.57 10.56
N GLY A 94 5.43 6.47 9.60
CA GLY A 94 6.69 6.67 8.91
C GLY A 94 6.89 5.86 7.65
N ALA A 95 5.85 5.20 7.15
CA ALA A 95 6.02 4.44 5.92
C ALA A 95 6.19 5.38 4.73
N ALA A 96 6.97 4.93 3.75
CA ALA A 96 7.21 5.73 2.55
C ALA A 96 6.19 5.49 1.46
N ALA A 97 5.43 4.41 1.57
CA ALA A 97 4.37 4.07 0.64
C ALA A 97 3.55 2.96 1.28
N ILE A 98 2.33 2.80 0.79
CA ILE A 98 1.45 1.75 1.27
C ILE A 98 0.97 0.93 0.08
N LEU A 99 1.02 -0.39 0.22
CA LEU A 99 0.45 -1.34 -0.72
C LEU A 99 -0.72 -2.03 -0.03
N VAL A 100 -1.93 -1.83 -0.55
CA VAL A 100 -3.12 -2.46 0.02
C VAL A 100 -3.44 -3.68 -0.83
N ALA A 101 -3.31 -4.86 -0.25
CA ALA A 101 -3.64 -6.10 -0.96
C ALA A 101 -5.13 -6.34 -0.90
N ASP A 102 -5.76 -6.49 -2.05
CA ASP A 102 -7.18 -6.79 -2.09
C ASP A 102 -7.47 -8.07 -1.31
N SER A 103 -8.62 -8.08 -0.63
CA SER A 103 -9.01 -9.21 0.19
C SER A 103 -9.64 -10.36 -0.61
N LYS A 104 -10.03 -10.12 -1.86
CA LYS A 104 -10.52 -11.18 -2.73
C LYS A 104 -9.78 -11.13 -4.05
N ALA A 105 -9.82 -12.26 -4.75
CA ALA A 105 -9.22 -12.39 -6.07
C ALA A 105 -10.20 -11.81 -7.10
N GLU A 106 -9.84 -10.67 -7.68
CA GLU A 106 -10.74 -9.93 -8.56
C GLU A 106 -9.97 -8.91 -9.39
N PRO A 107 -10.56 -8.32 -10.43
CA PRO A 107 -9.88 -7.20 -11.11
C PRO A 107 -9.57 -6.10 -10.12
N LEU A 108 -8.49 -5.37 -10.40
CA LEU A 108 -8.11 -4.23 -9.58
C LEU A 108 -9.24 -3.23 -9.46
N ILE A 109 -9.29 -2.55 -8.31
CA ILE A 109 -10.27 -1.51 -8.03
C ILE A 109 -9.51 -0.22 -7.74
N THR A 110 -10.22 0.89 -7.87
CA THR A 110 -9.67 2.21 -7.61
C THR A 110 -10.03 2.62 -6.19
N MET A 111 -9.03 2.90 -5.38
CA MET A 111 -9.27 3.39 -4.03
C MET A 111 -9.78 4.83 -4.10
N ASP A 112 -11.04 5.03 -3.75
CA ASP A 112 -11.68 6.34 -3.84
C ASP A 112 -11.71 7.02 -2.47
N THR A 113 -11.90 8.36 -2.48
CA THR A 113 -11.93 9.09 -1.21
C THR A 113 -13.36 9.25 -0.74
N PRO A 114 -13.65 8.98 0.53
CA PRO A 114 -15.02 9.08 1.02
C PRO A 114 -15.42 10.52 1.32
N GLU A 115 -16.70 10.70 1.55
CA GLU A 115 -17.22 11.92 2.14
C GLU A 115 -17.24 11.72 3.66
N GLU A 116 -16.44 12.50 4.37
CA GLU A 116 -16.24 12.30 5.80
C GLU A 116 -17.07 13.28 6.61
N ASP A 117 -17.20 12.97 7.90
CA ASP A 117 -17.81 13.89 8.84
C ASP A 117 -16.94 15.14 8.96
N LYS A 118 -17.56 16.23 9.44
CA LYS A 118 -16.85 17.49 9.54
C LYS A 118 -15.58 17.36 10.36
N SER A 119 -15.64 16.62 11.47
CA SER A 119 -14.50 16.49 12.36
C SER A 119 -13.40 15.59 11.82
N ASP A 120 -13.67 14.82 10.77
CA ASP A 120 -12.70 13.88 10.20
C ASP A 120 -12.40 14.20 8.73
N ALA A 121 -12.45 15.47 8.35
CA ALA A 121 -12.32 15.86 6.96
C ALA A 121 -10.91 16.34 6.59
N ASP A 122 -10.18 16.97 7.53
CA ASP A 122 -8.96 17.67 7.17
C ASP A 122 -7.81 16.73 6.83
N TYR A 123 -7.83 15.48 7.30
CA TYR A 123 -6.70 14.60 7.02
C TYR A 123 -6.62 14.23 5.54
N LEU A 124 -7.75 14.26 4.83
CA LEU A 124 -7.76 13.91 3.42
C LEU A 124 -6.84 14.81 2.62
N GLN A 125 -6.69 16.07 3.04
CA GLN A 125 -5.87 17.03 2.34
C GLN A 125 -4.39 16.87 2.65
N ASN A 126 -4.04 16.00 3.59
CA ASN A 126 -2.69 15.91 4.12
C ASN A 126 -2.06 14.54 3.88
N ILE A 127 -2.64 13.75 2.99
CA ILE A 127 -2.05 12.46 2.67
C ILE A 127 -0.98 12.71 1.61
N THR A 128 0.25 12.28 1.90
CA THR A 128 1.34 12.47 0.94
C THR A 128 1.94 11.19 0.40
N ILE A 129 1.81 10.06 1.09
CA ILE A 129 2.60 8.91 0.67
C ILE A 129 1.91 8.23 -0.51
N PRO A 130 2.70 7.68 -1.44
CA PRO A 130 2.11 6.91 -2.55
C PRO A 130 1.33 5.73 -2.02
N SER A 131 0.15 5.50 -2.59
CA SER A 131 -0.74 4.43 -2.18
C SER A 131 -1.17 3.68 -3.43
N ALA A 132 -1.05 2.35 -3.38
CA ALA A 132 -1.41 1.50 -4.51
C ALA A 132 -2.19 0.29 -4.01
N LEU A 133 -3.20 -0.11 -4.77
CA LEU A 133 -3.94 -1.34 -4.55
C LEU A 133 -3.30 -2.42 -5.40
N ILE A 134 -3.04 -3.58 -4.81
CA ILE A 134 -2.51 -4.70 -5.58
C ILE A 134 -3.42 -5.92 -5.38
N THR A 135 -3.28 -6.88 -6.29
CA THR A 135 -4.16 -8.03 -6.28
C THR A 135 -3.89 -8.92 -5.07
N LYS A 136 -4.88 -9.74 -4.72
CA LYS A 136 -4.68 -10.75 -3.69
C LYS A 136 -3.51 -11.66 -4.06
N THR A 137 -3.40 -12.02 -5.34
CA THR A 137 -2.36 -12.94 -5.78
C THR A 137 -0.98 -12.37 -5.47
N LEU A 138 -0.75 -11.11 -5.82
CA LEU A 138 0.54 -10.49 -5.54
C LEU A 138 0.76 -10.33 -4.05
N GLY A 139 -0.25 -9.85 -3.32
CA GLY A 139 -0.15 -9.79 -1.87
C GLY A 139 0.25 -11.12 -1.27
N ASP A 140 -0.46 -12.18 -1.65
CA ASP A 140 -0.14 -13.52 -1.14
C ASP A 140 1.28 -13.93 -1.51
N SER A 141 1.71 -13.63 -2.73
CA SER A 141 3.07 -13.96 -3.16
C SER A 141 4.11 -13.24 -2.32
N ILE A 142 3.89 -11.95 -2.05
CA ILE A 142 4.83 -11.18 -1.26
C ILE A 142 4.88 -11.72 0.18
N LYS A 143 3.70 -11.98 0.77
CA LYS A 143 3.68 -12.51 2.14
C LYS A 143 4.43 -13.82 2.25
N SER A 144 4.28 -14.70 1.25
CA SER A 144 5.01 -15.96 1.25
C SER A 144 6.51 -15.74 1.16
N ALA A 145 6.96 -14.83 0.29
CA ALA A 145 8.39 -14.51 0.24
C ALA A 145 8.88 -14.01 1.58
N LEU A 146 8.14 -13.07 2.19
CA LEU A 146 8.58 -12.50 3.45
C LEU A 146 8.64 -13.53 4.56
N SER A 147 7.64 -14.44 4.61
CA SER A 147 7.60 -15.41 5.70
CA SER A 147 7.59 -15.43 5.68
C SER A 147 8.75 -16.41 5.61
N GLY A 148 9.31 -16.61 4.43
CA GLY A 148 10.48 -17.46 4.31
C GLY A 148 11.80 -16.78 4.54
N GLY A 149 11.78 -15.48 4.86
CA GLY A 149 12.98 -14.74 5.16
C GLY A 149 13.53 -13.88 4.04
N ASP A 150 12.90 -13.87 2.87
CA ASP A 150 13.41 -13.09 1.76
C ASP A 150 13.15 -11.60 1.96
N MET A 151 14.01 -10.80 1.34
CA MET A 151 13.79 -9.37 1.22
C MET A 151 13.00 -9.13 -0.07
N VAL A 152 11.90 -8.41 0.05
CA VAL A 152 11.10 -8.05 -1.12
C VAL A 152 11.35 -6.58 -1.38
N ASN A 153 12.06 -6.28 -2.47
CA ASN A 153 12.30 -4.91 -2.89
C ASN A 153 11.43 -4.60 -4.10
N MET A 154 11.09 -3.32 -4.24
CA MET A 154 10.08 -2.92 -5.20
C MET A 154 10.36 -1.52 -5.68
N LYS A 155 10.14 -1.28 -6.96
CA LYS A 155 10.19 0.07 -7.51
C LYS A 155 8.78 0.51 -7.89
N LEU A 156 8.40 1.67 -7.39
CA LEU A 156 7.13 2.29 -7.71
C LEU A 156 7.34 3.37 -8.75
N ASP A 157 6.44 3.41 -9.73
CA ASP A 157 6.45 4.45 -10.74
C ASP A 157 5.04 5.03 -10.81
N TRP A 158 4.92 6.31 -10.48
CA TRP A 158 3.64 7.00 -10.58
C TRP A 158 3.66 8.06 -11.67
N THR A 159 4.65 7.99 -12.57
CA THR A 159 4.67 8.91 -13.71
C THR A 159 3.43 8.75 -14.58
N GLU A 160 2.93 7.52 -14.72
CA GLU A 160 1.66 7.33 -15.40
C GLU A 160 0.48 7.89 -14.63
N SER A 161 0.66 8.19 -13.34
CA SER A 161 -0.40 8.67 -12.46
C SER A 161 -1.57 7.69 -12.38
C ACE B 1 -16.74 0.25 -11.14
O ACE B 1 -17.17 -0.81 -10.69
CH3 ACE B 1 -17.53 1.11 -12.06
N SER B 2 -15.54 0.71 -10.81
CA SER B 2 -14.67 -0.05 -9.91
C SER B 2 -14.11 0.78 -8.75
N ASP B 3 -14.76 1.89 -8.42
CA ASP B 3 -14.34 2.74 -7.31
C ASP B 3 -14.94 2.20 -6.01
N ARG B 4 -14.11 2.11 -4.97
CA ARG B 4 -14.55 1.64 -3.66
C ARG B 4 -13.91 2.50 -2.57
N PHE B 5 -14.68 2.81 -1.52
CA PHE B 5 -14.15 3.51 -0.35
C PHE B 5 -13.51 2.58 0.67
N VAL B 6 -13.99 1.33 0.74
CA VAL B 6 -13.49 0.31 1.65
C VAL B 6 -13.30 -0.98 0.84
#